data_4IG1
#
_entry.id   4IG1
#
_cell.length_a   116.998
_cell.length_b   46.890
_cell.length_c   57.471
_cell.angle_alpha   90.00
_cell.angle_beta   102.49
_cell.angle_gamma   90.00
#
_symmetry.space_group_name_H-M   'C 1 2 1'
#
loop_
_entity.id
_entity.type
_entity.pdbx_description
1 polymer 'FAD:protein FMN transferase'
2 non-polymer 'ADENOSINE MONOPHOSPHATE'
3 non-polymer 'MAGNESIUM ION'
4 non-polymer 'ACETATE ION'
5 water water
#
_entity_poly.entity_id   1
_entity_poly.type   'polypeptide(L)'
_entity_poly.pdbx_seq_one_letter_code
;CGGRARVREYSRAELVIGTLCRVRVYSKRPAAEVHAALEEVFTLLQQQEMVLSANRDDSALAALNAQAGSAPVVVDRSLY
ALLERALFFAEKSGGAFNPALGAVVKLWNIGFDRAAVPDPDALKEALTRCDFRQVHLRAGVSVGAPHTVQLAQAGMQLDL
GAIAKGFLADKIVQLLTAHALDSALVDLGGNIFALGLKYGDVRSAAAQRLEWNVGIRDPHGTGQKPALVVSVRDCSVVTS
GAYERFFERDGVRYHHIIDPVTGFPAHTDVDSVSIFAPRSTDADALATACFVLGYEKSCALLREFPGVDALFIFPDKRVR
ASAGIVDRVRVLDARFVLER
;
_entity_poly.pdbx_strand_id   A
#
loop_
_chem_comp.id
_chem_comp.type
_chem_comp.name
_chem_comp.formula
ACT non-polymer 'ACETATE ION' 'C2 H3 O2 -1'
AMP non-polymer 'ADENOSINE MONOPHOSPHATE' 'C10 H14 N5 O7 P'
MG non-polymer 'MAGNESIUM ION' 'Mg 2'
#
# COMPACT_ATOMS: atom_id res chain seq x y z
N VAL A 7 -24.33 -20.71 -7.77
CA VAL A 7 -23.07 -20.00 -7.50
C VAL A 7 -22.03 -20.28 -8.57
N ARG A 8 -21.36 -19.23 -9.03
CA ARG A 8 -20.29 -19.37 -9.99
C ARG A 8 -19.11 -18.55 -9.48
N GLU A 9 -17.91 -19.02 -9.85
CA GLU A 9 -16.66 -18.39 -9.45
C GLU A 9 -16.01 -17.81 -10.69
N TYR A 10 -15.54 -16.56 -10.58
CA TYR A 10 -14.91 -15.88 -11.69
C TYR A 10 -13.59 -15.27 -11.22
N SER A 11 -12.63 -15.13 -12.15
N SER A 11 -12.70 -15.07 -12.18
CA SER A 11 -11.38 -14.39 -11.88
CA SER A 11 -11.61 -14.16 -11.93
C SER A 11 -10.93 -13.70 -13.17
C SER A 11 -11.16 -13.52 -13.20
N ARG A 12 -10.33 -12.50 -13.03
CA ARG A 12 -9.76 -11.81 -14.16
C ARG A 12 -8.50 -11.12 -13.66
N ALA A 13 -7.47 -11.11 -14.47
CA ALA A 13 -6.20 -10.50 -14.09
C ALA A 13 -5.57 -9.81 -15.28
N GLU A 14 -4.93 -8.67 -14.99
CA GLU A 14 -4.26 -7.88 -16.01
C GLU A 14 -3.06 -7.22 -15.41
N LEU A 15 -2.10 -6.89 -16.27
N LEU A 15 -2.11 -6.86 -16.27
CA LEU A 15 -0.97 -6.05 -15.91
CA LEU A 15 -0.94 -6.07 -15.88
C LEU A 15 -1.44 -4.60 -15.93
C LEU A 15 -1.29 -4.60 -15.96
N VAL A 16 -1.32 -3.93 -14.81
CA VAL A 16 -1.74 -2.53 -14.69
C VAL A 16 -1.24 -1.96 -13.37
N ILE A 17 -1.12 -0.65 -13.28
CA ILE A 17 -0.44 0.04 -12.16
C ILE A 17 0.90 -0.62 -11.80
N GLY A 18 1.64 -1.02 -12.83
CA GLY A 18 2.97 -1.58 -12.67
C GLY A 18 3.05 -2.97 -12.07
N THR A 19 1.93 -3.69 -12.00
CA THR A 19 1.98 -5.00 -11.36
C THR A 19 0.82 -5.88 -11.84
N LEU A 20 0.74 -7.10 -11.32
CA LEU A 20 -0.35 -8.00 -11.68
C LEU A 20 -1.49 -7.74 -10.76
N CYS A 21 -2.66 -7.42 -11.31
CA CYS A 21 -3.86 -7.16 -10.52
C CYS A 21 -4.90 -8.22 -10.88
N ARG A 22 -5.44 -8.87 -9.85
CA ARG A 22 -6.36 -10.00 -10.04
C ARG A 22 -7.52 -9.83 -9.11
N VAL A 23 -8.72 -10.06 -9.61
CA VAL A 23 -9.92 -10.05 -8.80
C VAL A 23 -10.68 -11.37 -9.03
N ARG A 24 -11.06 -12.01 -7.93
CA ARG A 24 -11.78 -13.27 -7.92
C ARG A 24 -13.11 -12.98 -7.23
N VAL A 25 -14.19 -13.46 -7.82
CA VAL A 25 -15.53 -13.23 -7.33
C VAL A 25 -16.33 -14.53 -7.25
N TYR A 26 -17.11 -14.71 -6.19
CA TYR A 26 -18.17 -15.72 -6.18
C TYR A 26 -19.50 -15.00 -6.20
N SER A 27 -20.39 -15.39 -7.08
CA SER A 27 -21.66 -14.73 -7.16
C SER A 27 -22.76 -15.63 -7.68
N LYS A 28 -24.00 -15.35 -7.26
CA LYS A 28 -25.16 -15.96 -7.87
C LYS A 28 -25.88 -15.03 -8.84
N ARG A 29 -25.35 -13.83 -9.05
CA ARG A 29 -25.94 -12.92 -10.02
C ARG A 29 -25.72 -13.44 -11.43
N PRO A 30 -26.53 -12.98 -12.40
CA PRO A 30 -26.26 -13.35 -13.79
C PRO A 30 -24.81 -13.03 -14.17
N ALA A 31 -24.21 -13.92 -14.94
CA ALA A 31 -22.80 -13.79 -15.26
C ALA A 31 -22.53 -12.47 -15.97
N ALA A 32 -23.48 -12.00 -16.77
CA ALA A 32 -23.30 -10.76 -17.49
C ALA A 32 -23.12 -9.59 -16.51
N GLU A 33 -23.75 -9.67 -15.34
CA GLU A 33 -23.58 -8.62 -14.30
C GLU A 33 -22.19 -8.68 -13.68
N VAL A 34 -21.65 -9.88 -13.51
CA VAL A 34 -20.32 -10.01 -12.94
C VAL A 34 -19.30 -9.55 -13.93
N HIS A 35 -19.44 -9.98 -15.17
CA HIS A 35 -18.58 -9.51 -16.25
C HIS A 35 -18.55 -7.98 -16.31
N ALA A 36 -19.71 -7.33 -16.24
CA ALA A 36 -19.75 -5.86 -16.25
C ALA A 36 -18.98 -5.25 -15.09
N ALA A 37 -19.15 -5.81 -13.90
CA ALA A 37 -18.40 -5.31 -12.74
C ALA A 37 -16.91 -5.45 -12.98
N LEU A 38 -16.47 -6.61 -13.48
CA LEU A 38 -15.04 -6.80 -13.71
C LEU A 38 -14.47 -5.91 -14.80
N GLU A 39 -15.24 -5.67 -15.85
CA GLU A 39 -14.89 -4.70 -16.87
C GLU A 39 -14.58 -3.36 -16.22
N GLU A 40 -15.46 -2.95 -15.31
CA GLU A 40 -15.31 -1.64 -14.67
C GLU A 40 -14.15 -1.64 -13.70
N VAL A 41 -13.90 -2.74 -12.99
CA VAL A 41 -12.71 -2.83 -12.12
C VAL A 41 -11.44 -2.52 -12.92
N PHE A 42 -11.31 -3.12 -14.09
CA PHE A 42 -10.07 -2.98 -14.81
C PHE A 42 -9.97 -1.69 -15.59
N THR A 43 -11.11 -1.12 -15.96
CA THR A 43 -11.14 0.26 -16.49
C THR A 43 -10.71 1.27 -15.40
N LEU A 44 -11.23 1.10 -14.20
N LEU A 44 -11.24 1.10 -14.20
CA LEU A 44 -10.84 1.95 -13.08
CA LEU A 44 -10.84 1.94 -13.07
C LEU A 44 -9.33 1.92 -12.90
C LEU A 44 -9.32 1.91 -12.86
N LEU A 45 -8.74 0.74 -12.91
CA LEU A 45 -7.31 0.60 -12.65
C LEU A 45 -6.52 1.30 -13.74
N GLN A 46 -6.95 1.19 -14.99
CA GLN A 46 -6.31 1.98 -16.06
C GLN A 46 -6.45 3.47 -15.85
N GLN A 47 -7.65 3.94 -15.54
CA GLN A 47 -7.84 5.37 -15.33
C GLN A 47 -6.99 5.88 -14.16
N GLN A 48 -7.00 5.14 -13.07
CA GLN A 48 -6.30 5.60 -11.86
C GLN A 48 -4.79 5.51 -11.98
N GLU A 49 -4.28 4.61 -12.81
CA GLU A 49 -2.84 4.63 -13.11
C GLU A 49 -2.48 6.02 -13.61
N MET A 50 -3.36 6.62 -14.41
CA MET A 50 -3.10 7.91 -15.04
C MET A 50 -3.27 9.09 -14.09
N VAL A 51 -3.89 8.83 -12.94
CA VAL A 51 -4.02 9.85 -11.92
C VAL A 51 -2.84 9.79 -10.94
N LEU A 52 -2.52 8.59 -10.47
CA LEU A 52 -1.71 8.41 -9.26
C LEU A 52 -0.23 8.11 -9.46
N SER A 53 0.14 7.72 -10.65
CA SER A 53 1.47 7.15 -10.85
C SER A 53 2.59 8.15 -10.69
N ALA A 54 3.60 7.77 -9.92
CA ALA A 54 4.77 8.60 -9.71
C ALA A 54 5.85 8.37 -10.75
N ASN A 55 5.74 7.31 -11.55
CA ASN A 55 6.77 7.07 -12.58
C ASN A 55 6.23 7.09 -14.00
N ARG A 56 5.33 8.02 -14.26
CA ARG A 56 4.90 8.36 -15.61
C ARG A 56 4.86 9.87 -15.65
N ASP A 57 5.32 10.45 -16.75
CA ASP A 57 5.38 11.90 -16.91
C ASP A 57 4.01 12.54 -17.11
N ASP A 58 3.01 11.72 -17.41
CA ASP A 58 1.73 12.21 -17.93
C ASP A 58 0.56 11.94 -17.00
N SER A 59 0.85 11.68 -15.72
CA SER A 59 -0.19 11.46 -14.73
C SER A 59 -0.60 12.77 -14.06
N ALA A 60 -1.76 12.78 -13.39
CA ALA A 60 -2.18 13.94 -12.63
C ALA A 60 -1.17 14.26 -11.53
N LEU A 61 -0.60 13.23 -10.90
CA LEU A 61 0.37 13.47 -9.83
C LEU A 61 1.63 14.14 -10.38
N ALA A 62 2.05 13.72 -11.58
CA ALA A 62 3.24 14.32 -12.18
C ALA A 62 2.97 15.80 -12.42
N ALA A 63 1.76 16.12 -12.86
CA ALA A 63 1.40 17.51 -13.11
C ALA A 63 1.39 18.33 -11.82
N LEU A 64 0.88 17.75 -10.75
CA LEU A 64 0.87 18.41 -9.45
C LEU A 64 2.31 18.67 -8.98
N ASN A 65 3.18 17.69 -9.12
CA ASN A 65 4.58 17.83 -8.76
C ASN A 65 5.30 18.89 -9.58
N ALA A 66 4.89 19.04 -10.83
CA ALA A 66 5.54 20.04 -11.69
C ALA A 66 5.21 21.46 -11.24
N GLN A 67 4.21 21.60 -10.37
CA GLN A 67 3.82 22.91 -9.86
C GLN A 67 4.30 23.17 -8.43
N ALA A 68 5.21 22.34 -7.93
CA ALA A 68 5.79 22.57 -6.62
C ALA A 68 6.41 23.96 -6.56
N GLY A 69 6.08 24.71 -5.50
CA GLY A 69 6.64 26.04 -5.32
C GLY A 69 5.80 27.12 -5.96
N SER A 70 4.66 26.73 -6.50
CA SER A 70 3.79 27.66 -7.20
C SER A 70 2.38 27.63 -6.60
N ALA A 71 1.40 27.94 -7.42
CA ALA A 71 0.03 28.19 -6.96
C ALA A 71 -0.71 26.88 -6.70
N PRO A 72 -1.80 26.95 -5.92
CA PRO A 72 -2.56 25.73 -5.65
C PRO A 72 -3.16 25.17 -6.91
N VAL A 73 -3.30 23.85 -6.94
CA VAL A 73 -3.80 23.12 -8.11
C VAL A 73 -5.12 22.46 -7.77
N VAL A 74 -6.11 22.61 -8.66
CA VAL A 74 -7.38 21.90 -8.49
C VAL A 74 -7.23 20.40 -8.73
N VAL A 75 -7.72 19.59 -7.79
CA VAL A 75 -7.73 18.14 -7.95
C VAL A 75 -9.13 17.60 -7.74
N ASP A 76 -9.39 16.39 -8.21
CA ASP A 76 -10.71 15.82 -7.93
C ASP A 76 -10.78 15.35 -6.48
N ARG A 77 -12.00 15.10 -6.02
CA ARG A 77 -12.27 14.87 -4.61
C ARG A 77 -11.59 13.58 -4.15
N SER A 78 -11.48 12.60 -5.05
CA SER A 78 -10.86 11.33 -4.78
C SER A 78 -9.38 11.49 -4.40
N LEU A 79 -8.64 12.19 -5.24
CA LEU A 79 -7.22 12.42 -5.00
C LEU A 79 -7.04 13.27 -3.73
N TYR A 80 -7.90 14.26 -3.55
CA TYR A 80 -7.82 15.10 -2.35
C TYR A 80 -7.97 14.22 -1.10
N ALA A 81 -8.96 13.32 -1.12
CA ALA A 81 -9.21 12.46 0.05
C ALA A 81 -8.02 11.56 0.37
N LEU A 82 -7.38 11.02 -0.66
CA LEU A 82 -6.24 10.15 -0.51
C LEU A 82 -5.08 10.93 0.10
N LEU A 83 -4.88 12.15 -0.39
CA LEU A 83 -3.81 12.97 0.16
C LEU A 83 -4.08 13.32 1.63
N GLU A 84 -5.33 13.63 1.95
CA GLU A 84 -5.69 13.90 3.32
C GLU A 84 -5.33 12.69 4.21
N ARG A 85 -5.66 11.49 3.77
CA ARG A 85 -5.39 10.32 4.59
C ARG A 85 -3.89 10.07 4.69
N ALA A 86 -3.16 10.30 3.59
CA ALA A 86 -1.72 10.12 3.60
C ALA A 86 -1.06 11.08 4.61
N LEU A 87 -1.47 12.34 4.59
CA LEU A 87 -0.93 13.32 5.55
C LEU A 87 -1.30 12.95 6.98
N PHE A 88 -2.49 12.40 7.20
CA PHE A 88 -2.88 11.90 8.50
C PHE A 88 -1.91 10.81 9.01
N PHE A 89 -1.59 9.82 8.20
CA PHE A 89 -0.65 8.81 8.64
C PHE A 89 0.78 9.33 8.75
N ALA A 90 1.14 10.31 7.93
CA ALA A 90 2.44 10.96 8.08
C ALA A 90 2.55 11.58 9.47
N GLU A 91 1.52 12.30 9.90
CA GLU A 91 1.57 12.97 11.18
C GLU A 91 1.57 11.93 12.30
N LYS A 92 0.66 10.97 12.21
CA LYS A 92 0.53 9.99 13.28
C LYS A 92 1.79 9.15 13.43
N SER A 93 2.48 8.87 12.32
CA SER A 93 3.67 8.04 12.39
C SER A 93 4.96 8.86 12.59
N GLY A 94 4.84 10.16 12.83
CA GLY A 94 6.02 10.99 13.06
C GLY A 94 6.89 11.05 11.82
N GLY A 95 6.26 10.91 10.66
CA GLY A 95 6.93 10.99 9.37
C GLY A 95 7.59 9.71 8.91
N ALA A 96 7.38 8.61 9.62
CA ALA A 96 7.99 7.33 9.23
C ALA A 96 7.41 6.91 7.87
N PHE A 97 6.10 7.07 7.73
CA PHE A 97 5.43 7.10 6.43
C PHE A 97 5.41 8.56 6.02
N ASN A 98 5.91 8.86 4.81
CA ASN A 98 5.99 10.23 4.31
C ASN A 98 5.62 10.21 2.83
N PRO A 99 4.47 10.81 2.45
CA PRO A 99 4.03 10.78 1.06
C PRO A 99 4.72 11.82 0.19
N ALA A 100 5.60 12.63 0.78
CA ALA A 100 6.36 13.67 0.06
C ALA A 100 7.85 13.33 -0.06
N LEU A 101 8.16 12.04 -0.23
CA LEU A 101 9.52 11.55 -0.25
C LEU A 101 10.09 11.41 -1.67
N GLY A 102 9.35 11.91 -2.65
CA GLY A 102 9.74 11.74 -4.04
C GLY A 102 11.14 12.21 -4.39
N ALA A 103 11.56 13.33 -3.80
CA ALA A 103 12.90 13.83 -4.10
C ALA A 103 13.95 12.76 -3.79
N VAL A 104 13.74 12.01 -2.71
CA VAL A 104 14.70 10.99 -2.30
C VAL A 104 14.49 9.66 -3.05
N VAL A 105 13.24 9.25 -3.17
CA VAL A 105 12.94 8.00 -3.86
C VAL A 105 13.46 8.02 -5.30
N LYS A 106 13.25 9.13 -6.03
CA LYS A 106 13.73 9.24 -7.40
C LYS A 106 15.25 9.15 -7.55
N LEU A 107 15.99 9.56 -6.52
CA LEU A 107 17.43 9.43 -6.56
C LEU A 107 17.84 7.98 -6.41
N TRP A 108 17.22 7.28 -5.47
CA TRP A 108 17.49 5.86 -5.30
C TRP A 108 16.99 5.06 -6.51
N ASN A 109 15.81 5.41 -7.02
CA ASN A 109 15.20 4.73 -8.17
C ASN A 109 16.17 4.51 -9.32
N ILE A 110 16.84 5.56 -9.77
CA ILE A 110 17.81 5.44 -10.87
C ILE A 110 18.95 4.54 -10.44
N GLY A 111 19.21 4.49 -9.14
CA GLY A 111 20.17 3.54 -8.61
C GLY A 111 19.75 2.14 -8.98
N PHE A 112 18.46 1.83 -8.80
CA PHE A 112 17.93 0.51 -9.13
C PHE A 112 18.21 0.18 -10.59
N ASP A 113 17.68 0.98 -11.50
CA ASP A 113 17.95 0.81 -12.93
C ASP A 113 19.42 0.49 -13.18
N ARG A 114 20.31 1.45 -12.92
CA ARG A 114 21.75 1.23 -13.03
C ARG A 114 22.38 1.17 -11.65
N ALA A 115 22.69 -0.07 -11.22
CA ALA A 115 23.05 -0.37 -9.84
C ALA A 115 24.09 0.57 -9.21
N ALA A 116 23.65 1.75 -8.79
CA ALA A 116 24.53 2.70 -8.11
C ALA A 116 23.84 3.38 -6.94
N VAL A 117 24.60 3.59 -5.87
CA VAL A 117 24.11 4.26 -4.67
C VAL A 117 24.21 5.78 -4.80
N PRO A 118 23.17 6.51 -4.39
CA PRO A 118 23.17 7.98 -4.48
C PRO A 118 24.40 8.65 -3.90
N ASP A 119 24.67 9.88 -4.33
CA ASP A 119 25.80 10.64 -3.83
C ASP A 119 25.44 11.25 -2.48
N PRO A 120 26.42 11.33 -1.57
CA PRO A 120 26.20 11.85 -0.22
C PRO A 120 25.49 13.21 -0.20
N ASP A 121 26.09 14.22 -0.82
CA ASP A 121 25.56 15.58 -0.77
C ASP A 121 24.23 15.70 -1.54
N ALA A 122 24.12 14.96 -2.64
CA ALA A 122 22.90 14.95 -3.45
C ALA A 122 21.72 14.42 -2.65
N LEU A 123 21.97 13.34 -1.92
CA LEU A 123 20.97 12.77 -1.05
C LEU A 123 20.63 13.73 0.10
N LYS A 124 21.64 14.41 0.59
CA LYS A 124 21.44 15.34 1.68
C LYS A 124 20.54 16.50 1.21
N GLU A 125 20.78 16.95 -0.01
CA GLU A 125 19.95 18.00 -0.59
C GLU A 125 18.49 17.53 -0.76
N ALA A 126 18.31 16.34 -1.31
CA ALA A 126 16.97 15.79 -1.51
C ALA A 126 16.18 15.75 -0.22
N LEU A 127 16.84 15.42 0.89
CA LEU A 127 16.14 15.30 2.17
C LEU A 127 15.56 16.65 2.63
N THR A 128 16.10 17.76 2.13
CA THR A 128 15.56 19.06 2.51
C THR A 128 14.27 19.41 1.78
N ARG A 129 13.84 18.56 0.86
CA ARG A 129 12.67 18.83 0.06
C ARG A 129 11.58 17.75 0.27
N CYS A 130 11.47 17.27 1.51
CA CYS A 130 10.51 16.18 1.82
C CYS A 130 9.64 16.48 3.03
N ASP A 131 9.42 17.76 3.34
CA ASP A 131 8.63 18.10 4.51
C ASP A 131 7.16 18.06 4.17
N PHE A 132 6.50 16.97 4.57
CA PHE A 132 5.10 16.79 4.20
C PHE A 132 4.18 17.81 4.85
N ARG A 133 4.66 18.47 5.91
CA ARG A 133 3.88 19.58 6.52
C ARG A 133 3.76 20.81 5.60
N GLN A 134 4.52 20.82 4.50
CA GLN A 134 4.41 21.86 3.48
C GLN A 134 3.46 21.52 2.34
N VAL A 135 2.73 20.40 2.45
CA VAL A 135 1.66 20.08 1.52
C VAL A 135 0.38 20.68 2.12
N HIS A 136 -0.17 21.70 1.47
CA HIS A 136 -1.34 22.38 1.98
C HIS A 136 -2.60 22.00 1.18
N LEU A 137 -3.54 21.38 1.87
CA LEU A 137 -4.82 20.97 1.27
C LEU A 137 -5.86 21.97 1.70
N ARG A 138 -6.60 22.52 0.73
CA ARG A 138 -7.69 23.44 1.03
C ARG A 138 -8.94 23.10 0.23
N ALA A 139 -10.10 23.20 0.89
CA ALA A 139 -11.37 22.91 0.24
C ALA A 139 -12.42 23.79 0.88
N GLY A 140 -12.98 24.66 0.07
CA GLY A 140 -13.97 25.57 0.59
C GLY A 140 -15.22 24.82 1.02
N VAL A 141 -16.04 25.50 1.81
CA VAL A 141 -17.20 24.86 2.43
C VAL A 141 -18.49 25.12 1.67
N SER A 142 -18.47 26.00 0.68
CA SER A 142 -19.68 26.31 -0.07
C SER A 142 -19.96 25.27 -1.15
N VAL A 143 -21.18 25.33 -1.66
N VAL A 143 -21.17 25.35 -1.69
CA VAL A 143 -21.63 24.36 -2.65
CA VAL A 143 -21.64 24.39 -2.68
C VAL A 143 -20.72 24.35 -3.88
C VAL A 143 -20.72 24.35 -3.89
N GLY A 144 -20.29 23.16 -4.25
CA GLY A 144 -19.43 22.96 -5.40
C GLY A 144 -18.05 23.59 -5.30
N ALA A 145 -17.61 23.95 -4.10
CA ALA A 145 -16.28 24.56 -3.99
C ALA A 145 -15.17 23.57 -4.36
N PRO A 146 -14.14 24.03 -5.07
CA PRO A 146 -13.10 23.11 -5.52
C PRO A 146 -12.17 22.67 -4.39
N HIS A 147 -11.48 21.58 -4.65
CA HIS A 147 -10.49 21.01 -3.74
C HIS A 147 -9.13 21.35 -4.34
N THR A 148 -8.22 21.89 -3.54
CA THR A 148 -6.91 22.27 -4.08
C THR A 148 -5.76 21.73 -3.25
N VAL A 149 -4.61 21.58 -3.91
CA VAL A 149 -3.39 21.14 -3.27
C VAL A 149 -2.28 22.11 -3.62
N GLN A 150 -1.50 22.53 -2.62
CA GLN A 150 -0.35 23.39 -2.88
C GLN A 150 0.87 22.77 -2.24
N LEU A 151 1.91 22.60 -3.04
CA LEU A 151 3.18 22.11 -2.55
C LEU A 151 4.04 23.33 -2.32
N ALA A 152 4.24 23.72 -1.07
CA ALA A 152 4.78 25.05 -0.76
C ALA A 152 6.29 25.14 -0.94
N GLN A 153 6.95 24.02 -0.71
CA GLN A 153 8.43 23.89 -0.65
C GLN A 153 8.90 23.60 -2.07
N ALA A 154 9.80 24.43 -2.61
CA ALA A 154 10.28 24.23 -3.97
C ALA A 154 10.97 22.87 -4.14
N GLY A 155 10.71 22.19 -5.24
CA GLY A 155 11.31 20.89 -5.52
C GLY A 155 10.78 19.69 -4.75
N MET A 156 9.72 19.89 -3.98
CA MET A 156 9.15 18.76 -3.26
C MET A 156 8.34 17.93 -4.24
N GLN A 157 8.35 16.60 -4.05
N GLN A 157 8.32 16.61 -4.05
CA GLN A 157 7.67 15.67 -4.95
CA GLN A 157 7.64 15.72 -4.98
C GLN A 157 6.83 14.66 -4.17
C GLN A 157 6.85 14.66 -4.22
N LEU A 158 5.54 14.58 -4.51
CA LEU A 158 4.71 13.54 -3.94
C LEU A 158 5.05 12.18 -4.59
N ASP A 159 5.02 11.14 -3.77
CA ASP A 159 5.12 9.75 -4.24
C ASP A 159 4.19 8.99 -3.36
N LEU A 160 3.11 8.45 -3.95
CA LEU A 160 2.10 7.76 -3.17
C LEU A 160 2.23 6.24 -3.28
N GLY A 161 3.42 5.78 -3.61
CA GLY A 161 3.65 4.35 -3.78
C GLY A 161 3.31 3.48 -2.57
N ALA A 162 3.41 4.05 -1.38
CA ALA A 162 3.16 3.30 -0.15
C ALA A 162 1.71 3.30 0.27
N ILE A 163 0.84 3.95 -0.48
CA ILE A 163 -0.58 4.03 -0.12
C ILE A 163 -1.53 3.82 -1.32
N ALA A 164 -1.03 3.96 -2.54
CA ALA A 164 -1.92 3.93 -3.70
C ALA A 164 -2.60 2.57 -3.92
N LYS A 165 -1.87 1.48 -3.75
CA LYS A 165 -2.52 0.17 -3.94
C LYS A 165 -3.64 -0.02 -2.93
N GLY A 166 -3.44 0.42 -1.70
CA GLY A 166 -4.47 0.32 -0.69
C GLY A 166 -5.69 1.14 -1.08
N PHE A 167 -5.45 2.36 -1.50
CA PHE A 167 -6.52 3.21 -1.98
C PHE A 167 -7.32 2.54 -3.11
N LEU A 168 -6.60 1.98 -4.08
CA LEU A 168 -7.28 1.38 -5.22
C LEU A 168 -8.04 0.10 -4.82
N ALA A 169 -7.50 -0.67 -3.89
CA ALA A 169 -8.21 -1.83 -3.39
C ALA A 169 -9.52 -1.42 -2.75
N ASP A 170 -9.49 -0.34 -1.97
CA ASP A 170 -10.71 0.16 -1.36
C ASP A 170 -11.69 0.67 -2.42
N LYS A 171 -11.19 1.36 -3.44
CA LYS A 171 -12.07 1.82 -4.53
C LYS A 171 -12.69 0.64 -5.29
N ILE A 172 -11.93 -0.43 -5.44
CA ILE A 172 -12.46 -1.59 -6.14
C ILE A 172 -13.52 -2.27 -5.29
N VAL A 173 -13.28 -2.39 -3.99
CA VAL A 173 -14.31 -2.98 -3.11
C VAL A 173 -15.58 -2.16 -3.19
N GLN A 174 -15.47 -0.83 -3.20
CA GLN A 174 -16.66 0.01 -3.25
C GLN A 174 -17.39 -0.22 -4.58
N LEU A 175 -16.64 -0.34 -5.66
CA LEU A 175 -17.22 -0.64 -6.96
C LEU A 175 -17.92 -2.03 -7.01
N LEU A 176 -17.28 -3.05 -6.48
CA LEU A 176 -17.92 -4.37 -6.42
C LEU A 176 -19.22 -4.32 -5.65
N THR A 177 -19.21 -3.69 -4.48
CA THR A 177 -20.40 -3.53 -3.66
C THR A 177 -21.49 -2.76 -4.43
N ALA A 178 -21.09 -1.73 -5.19
CA ALA A 178 -22.05 -0.97 -6.01
C ALA A 178 -22.75 -1.85 -7.05
N HIS A 179 -22.06 -2.91 -7.46
CA HIS A 179 -22.61 -3.88 -8.39
C HIS A 179 -23.26 -5.09 -7.69
N ALA A 180 -23.55 -4.90 -6.41
CA ALA A 180 -24.29 -5.88 -5.61
C ALA A 180 -23.53 -7.18 -5.47
N LEU A 181 -22.22 -7.07 -5.44
CA LEU A 181 -21.37 -8.22 -5.15
C LEU A 181 -20.90 -8.15 -3.71
N ASP A 182 -20.76 -9.30 -3.07
CA ASP A 182 -20.40 -9.33 -1.67
C ASP A 182 -19.39 -10.43 -1.31
N SER A 183 -18.75 -11.04 -2.31
CA SER A 183 -17.76 -12.10 -2.07
C SER A 183 -16.66 -11.95 -3.13
N ALA A 184 -15.51 -11.48 -2.71
CA ALA A 184 -14.40 -11.28 -3.64
C ALA A 184 -13.09 -11.29 -2.95
N LEU A 185 -12.05 -11.60 -3.71
N LEU A 185 -12.03 -11.59 -3.70
CA LEU A 185 -10.67 -11.46 -3.28
CA LEU A 185 -10.65 -11.46 -3.23
C LEU A 185 -9.99 -10.54 -4.30
C LEU A 185 -9.83 -10.62 -4.21
N VAL A 186 -9.58 -9.37 -3.82
CA VAL A 186 -8.90 -8.39 -4.64
C VAL A 186 -7.42 -8.46 -4.33
N ASP A 187 -6.58 -8.54 -5.34
CA ASP A 187 -5.16 -8.73 -5.15
C ASP A 187 -4.45 -7.80 -6.12
N LEU A 188 -3.97 -6.67 -5.58
CA LEU A 188 -3.22 -5.71 -6.40
C LEU A 188 -1.74 -5.84 -6.07
N GLY A 189 -1.02 -6.60 -6.88
CA GLY A 189 0.41 -6.80 -6.62
C GLY A 189 0.68 -7.27 -5.21
N GLY A 190 -0.21 -8.08 -4.67
CA GLY A 190 -0.05 -8.65 -3.34
C GLY A 190 -0.80 -7.91 -2.23
N ASN A 191 -1.32 -6.73 -2.54
CA ASN A 191 -2.11 -5.93 -1.62
C ASN A 191 -3.52 -6.51 -1.69
N ILE A 192 -3.94 -7.19 -0.63
CA ILE A 192 -5.17 -7.99 -0.64
C ILE A 192 -6.33 -7.31 0.06
N PHE A 193 -7.52 -7.40 -0.55
CA PHE A 193 -8.74 -7.19 0.22
C PHE A 193 -9.63 -8.41 0.08
N ALA A 194 -9.99 -8.96 1.23
CA ALA A 194 -10.90 -10.11 1.33
C ALA A 194 -12.29 -9.57 1.67
N LEU A 195 -13.16 -9.55 0.68
CA LEU A 195 -14.52 -9.06 0.80
C LEU A 195 -15.43 -10.24 1.09
N GLY A 196 -16.14 -10.15 2.21
CA GLY A 196 -17.09 -11.17 2.56
C GLY A 196 -16.46 -12.52 2.84
N LEU A 197 -17.20 -13.56 2.49
CA LEU A 197 -16.79 -14.96 2.67
C LEU A 197 -16.74 -15.64 1.31
N LYS A 198 -15.86 -16.60 1.17
CA LYS A 198 -15.84 -17.40 -0.06
C LYS A 198 -16.79 -18.58 0.08
N TYR A 199 -16.86 -19.42 -0.95
CA TYR A 199 -17.70 -20.61 -0.90
C TYR A 199 -16.75 -21.80 -0.89
N GLY A 200 -17.22 -22.93 -0.38
CA GLY A 200 -16.41 -24.14 -0.32
C GLY A 200 -16.34 -24.80 -1.69
N ALA A 207 -24.91 -23.65 0.67
CA ALA A 207 -23.51 -23.81 0.28
C ALA A 207 -22.60 -23.29 1.39
N GLN A 208 -21.54 -24.03 1.66
CA GLN A 208 -20.65 -23.73 2.78
C GLN A 208 -19.89 -22.41 2.57
N ARG A 209 -20.13 -21.42 3.43
CA ARG A 209 -19.40 -20.15 3.36
C ARG A 209 -18.22 -20.13 4.34
N LEU A 210 -17.04 -19.78 3.83
CA LEU A 210 -15.83 -19.89 4.64
C LEU A 210 -15.04 -18.61 4.55
N GLU A 211 -14.24 -18.34 5.57
CA GLU A 211 -13.34 -17.20 5.51
C GLU A 211 -12.30 -17.38 4.40
N TRP A 212 -11.84 -16.27 3.84
CA TRP A 212 -10.74 -16.31 2.90
C TRP A 212 -9.45 -16.63 3.64
N ASN A 213 -8.62 -17.50 3.06
CA ASN A 213 -7.33 -17.85 3.67
C ASN A 213 -6.21 -17.14 2.96
N VAL A 214 -5.81 -16.00 3.53
CA VAL A 214 -4.85 -15.11 2.88
C VAL A 214 -3.41 -15.52 3.23
N GLY A 215 -2.60 -15.76 2.20
CA GLY A 215 -1.23 -16.16 2.38
C GLY A 215 -0.31 -14.98 2.63
N ILE A 216 0.73 -15.22 3.43
CA ILE A 216 1.81 -14.25 3.67
C ILE A 216 3.12 -14.95 3.33
N ARG A 217 3.95 -14.31 2.50
CA ARG A 217 5.12 -14.99 1.95
C ARG A 217 6.28 -15.02 2.93
N ASP A 218 7.12 -16.05 2.79
CA ASP A 218 8.47 -16.06 3.32
C ASP A 218 9.19 -14.81 2.77
N PRO A 219 9.66 -13.91 3.64
CA PRO A 219 10.39 -12.73 3.14
C PRO A 219 11.53 -13.02 2.19
N HIS A 220 12.18 -14.17 2.34
CA HIS A 220 13.32 -14.57 1.52
C HIS A 220 13.00 -15.67 0.54
N GLY A 221 11.72 -15.88 0.27
CA GLY A 221 11.31 -16.96 -0.61
C GLY A 221 11.30 -16.54 -2.06
N THR A 222 11.03 -17.50 -2.94
CA THR A 222 10.88 -17.22 -4.36
C THR A 222 9.48 -16.67 -4.65
N GLY A 223 8.69 -16.51 -3.59
CA GLY A 223 7.39 -15.87 -3.71
C GLY A 223 6.26 -16.82 -4.08
N GLN A 224 6.62 -18.04 -4.47
CA GLN A 224 5.64 -19.00 -4.96
C GLN A 224 4.60 -19.35 -3.90
N LYS A 225 5.07 -19.99 -2.81
CA LYS A 225 4.20 -20.55 -1.78
C LYS A 225 4.17 -19.67 -0.55
N PRO A 226 3.00 -19.51 0.08
CA PRO A 226 3.02 -18.75 1.33
C PRO A 226 3.64 -19.52 2.50
N ALA A 227 4.24 -18.79 3.44
CA ALA A 227 4.78 -19.37 4.65
C ALA A 227 3.71 -19.57 5.70
N LEU A 228 2.68 -18.73 5.65
CA LEU A 228 1.64 -18.72 6.65
C LEU A 228 0.36 -18.35 5.92
N VAL A 229 -0.79 -18.71 6.47
N VAL A 229 -0.77 -18.71 6.49
CA VAL A 229 -2.08 -18.24 5.98
CA VAL A 229 -2.06 -18.21 6.04
C VAL A 229 -2.95 -17.77 7.15
C VAL A 229 -2.83 -17.64 7.22
N VAL A 230 -3.67 -16.67 6.95
CA VAL A 230 -4.55 -16.08 7.96
C VAL A 230 -5.99 -16.04 7.41
N SER A 231 -6.91 -16.57 8.20
CA SER A 231 -8.30 -16.64 7.79
C SER A 231 -9.02 -15.36 8.19
N VAL A 232 -9.59 -14.68 7.21
CA VAL A 232 -10.22 -13.36 7.41
C VAL A 232 -11.52 -13.17 6.62
N ARG A 233 -12.31 -12.20 7.07
CA ARG A 233 -13.53 -11.73 6.39
C ARG A 233 -13.55 -10.19 6.41
N ASP A 234 -13.91 -9.55 5.28
CA ASP A 234 -14.12 -8.10 5.25
C ASP A 234 -12.91 -7.34 5.80
N CYS A 235 -11.75 -7.67 5.28
CA CYS A 235 -10.47 -7.24 5.88
C CYS A 235 -9.46 -7.10 4.76
N SER A 236 -8.63 -6.06 4.83
CA SER A 236 -7.49 -5.96 3.96
C SER A 236 -6.30 -6.55 4.68
N VAL A 237 -5.40 -7.15 3.92
CA VAL A 237 -4.12 -7.66 4.40
C VAL A 237 -3.04 -7.11 3.50
N VAL A 238 -2.21 -6.25 4.07
CA VAL A 238 -1.19 -5.58 3.29
C VAL A 238 0.16 -5.73 3.98
N THR A 239 1.14 -6.19 3.22
CA THR A 239 2.47 -6.50 3.73
C THR A 239 3.51 -5.59 3.09
N SER A 240 4.41 -5.05 3.92
CA SER A 240 5.61 -4.34 3.45
C SER A 240 6.82 -5.13 3.87
N GLY A 241 7.82 -5.19 3.00
CA GLY A 241 8.98 -5.99 3.30
C GLY A 241 10.22 -5.54 2.58
N ALA A 242 11.33 -5.96 3.19
CA ALA A 242 12.72 -5.64 2.84
C ALA A 242 13.26 -6.42 1.67
N TYR A 243 12.44 -7.22 1.00
CA TYR A 243 12.97 -8.02 -0.10
C TYR A 243 12.03 -8.07 -1.30
N GLU A 244 11.03 -7.21 -1.32
CA GLU A 244 10.14 -7.11 -2.46
C GLU A 244 10.68 -6.25 -3.60
N ARG A 245 11.63 -5.39 -3.28
CA ARG A 245 12.24 -4.55 -4.30
C ARG A 245 13.55 -4.00 -3.79
N PHE A 246 14.63 -4.37 -4.46
CA PHE A 246 15.96 -3.97 -4.03
C PHE A 246 16.98 -4.21 -5.13
N PHE A 247 18.13 -3.58 -4.98
CA PHE A 247 19.27 -3.93 -5.80
C PHE A 247 20.45 -4.18 -4.88
N GLU A 248 21.48 -4.78 -5.44
CA GLU A 248 22.69 -5.08 -4.69
C GLU A 248 23.88 -4.39 -5.35
N ARG A 249 24.80 -3.90 -4.53
CA ARG A 249 26.05 -3.38 -5.04
C ARG A 249 27.14 -3.63 -4.02
N ASP A 250 28.22 -4.22 -4.48
CA ASP A 250 29.36 -4.55 -3.62
C ASP A 250 28.92 -5.26 -2.34
N GLY A 251 28.06 -6.26 -2.50
CA GLY A 251 27.65 -7.11 -1.40
C GLY A 251 26.65 -6.51 -0.45
N VAL A 252 26.18 -5.30 -0.74
CA VAL A 252 25.18 -4.66 0.13
C VAL A 252 23.85 -4.56 -0.60
N ARG A 253 22.77 -4.92 0.09
N ARG A 253 22.76 -4.86 0.10
CA ARG A 253 21.44 -4.81 -0.47
CA ARG A 253 21.43 -4.83 -0.49
C ARG A 253 20.88 -3.44 -0.15
C ARG A 253 20.68 -3.56 -0.09
N TYR A 254 20.16 -2.87 -1.10
CA TYR A 254 19.51 -1.59 -0.91
C TYR A 254 18.06 -1.69 -1.32
N HIS A 255 17.17 -1.71 -0.35
CA HIS A 255 15.76 -1.93 -0.66
C HIS A 255 14.94 -0.62 -0.76
N HIS A 256 13.69 -0.79 -1.18
CA HIS A 256 12.85 0.32 -1.63
C HIS A 256 12.19 1.18 -0.56
N ILE A 257 12.18 0.73 0.69
CA ILE A 257 11.49 1.47 1.74
C ILE A 257 12.50 2.35 2.48
N ILE A 258 12.35 3.65 2.31
CA ILE A 258 13.33 4.60 2.80
C ILE A 258 13.01 5.05 4.22
N ASP A 259 14.03 5.14 5.07
CA ASP A 259 13.90 5.81 6.35
C ASP A 259 14.09 7.32 6.14
N PRO A 260 13.03 8.12 6.34
CA PRO A 260 13.17 9.57 6.08
C PRO A 260 14.17 10.30 6.96
N VAL A 261 14.61 9.71 8.07
CA VAL A 261 15.61 10.39 8.89
C VAL A 261 16.99 10.27 8.23
N THR A 262 17.28 9.11 7.63
CA THR A 262 18.60 8.87 7.05
C THR A 262 18.70 9.09 5.54
N GLY A 263 17.57 8.98 4.85
CA GLY A 263 17.57 9.03 3.40
C GLY A 263 18.08 7.74 2.78
N PHE A 264 18.35 6.73 3.62
CA PHE A 264 18.73 5.40 3.15
C PHE A 264 17.61 4.37 3.39
N PRO A 265 17.67 3.23 2.69
CA PRO A 265 16.74 2.13 2.98
C PRO A 265 16.76 1.85 4.49
N ALA A 266 15.57 1.69 5.07
CA ALA A 266 15.44 1.56 6.51
C ALA A 266 16.19 0.36 7.06
N HIS A 267 16.92 0.57 8.16
CA HIS A 267 17.51 -0.54 8.91
C HIS A 267 16.55 -0.84 10.03
N THR A 268 15.93 -2.02 9.98
CA THR A 268 14.82 -2.32 10.88
C THR A 268 14.96 -3.76 11.42
N ASP A 269 14.21 -4.09 12.46
CA ASP A 269 14.38 -5.37 13.16
C ASP A 269 13.37 -6.42 12.73
N VAL A 270 12.57 -6.12 11.72
CA VAL A 270 11.62 -7.07 11.17
C VAL A 270 11.91 -7.27 9.68
N ASP A 271 11.61 -8.47 9.18
CA ASP A 271 11.71 -8.74 7.74
C ASP A 271 10.43 -8.36 7.00
N SER A 272 9.29 -8.41 7.67
CA SER A 272 8.06 -7.92 7.05
C SER A 272 7.03 -7.56 8.11
N VAL A 273 6.10 -6.68 7.73
N VAL A 273 6.13 -6.65 7.75
CA VAL A 273 4.97 -6.33 8.56
CA VAL A 273 4.98 -6.31 8.57
C VAL A 273 3.68 -6.35 7.74
C VAL A 273 3.74 -6.46 7.69
N SER A 274 2.71 -7.10 8.22
CA SER A 274 1.43 -7.28 7.57
C SER A 274 0.39 -6.62 8.45
N ILE A 275 -0.43 -5.72 7.87
CA ILE A 275 -1.44 -5.01 8.61
C ILE A 275 -2.79 -5.49 8.08
N PHE A 276 -3.68 -5.73 9.04
CA PHE A 276 -5.04 -6.21 8.82
C PHE A 276 -5.96 -5.08 9.24
N ALA A 277 -6.72 -4.55 8.29
CA ALA A 277 -7.57 -3.38 8.59
C ALA A 277 -8.82 -3.39 7.73
N PRO A 278 -9.88 -2.72 8.20
CA PRO A 278 -11.10 -2.59 7.41
C PRO A 278 -10.90 -1.77 6.15
N ARG A 279 -9.89 -0.91 6.12
CA ARG A 279 -9.58 -0.10 4.95
C ARG A 279 -8.18 -0.45 4.48
N SER A 280 -8.04 -0.86 3.23
CA SER A 280 -6.74 -1.16 2.67
C SER A 280 -5.83 0.08 2.59
N THR A 281 -6.43 1.26 2.39
CA THR A 281 -5.65 2.51 2.40
C THR A 281 -4.82 2.61 3.68
N ASP A 282 -5.49 2.33 4.78
CA ASP A 282 -4.90 2.45 6.11
C ASP A 282 -3.88 1.32 6.31
N ALA A 283 -4.21 0.11 5.89
CA ALA A 283 -3.28 -0.99 6.04
C ALA A 283 -1.98 -0.73 5.28
N ASP A 284 -2.09 -0.17 4.09
CA ASP A 284 -0.95 0.07 3.24
C ASP A 284 -0.04 1.14 3.88
N ALA A 285 -0.61 2.28 4.28
CA ALA A 285 0.18 3.31 4.92
C ALA A 285 0.84 2.79 6.20
N LEU A 286 0.07 2.08 7.03
CA LEU A 286 0.62 1.59 8.31
C LEU A 286 1.68 0.54 8.10
N ALA A 287 1.57 -0.30 7.10
CA ALA A 287 2.58 -1.34 6.89
C ALA A 287 3.93 -0.70 6.62
N THR A 288 3.94 0.35 5.80
CA THR A 288 5.17 1.06 5.48
C THR A 288 5.73 1.77 6.71
N ALA A 289 4.86 2.49 7.44
CA ALA A 289 5.30 3.18 8.66
C ALA A 289 5.91 2.19 9.65
N CYS A 290 5.22 1.08 9.87
CA CYS A 290 5.66 0.09 10.85
C CYS A 290 6.98 -0.55 10.45
N PHE A 291 7.18 -0.83 9.16
CA PHE A 291 8.45 -1.35 8.69
C PHE A 291 9.60 -0.40 9.03
N VAL A 292 9.40 0.89 8.77
CA VAL A 292 10.40 1.90 9.09
C VAL A 292 10.63 2.02 10.59
N LEU A 293 9.55 1.96 11.37
CA LEU A 293 9.64 2.19 12.81
C LEU A 293 10.27 1.02 13.56
N GLY A 294 10.13 -0.20 13.02
CA GLY A 294 10.58 -1.38 13.73
C GLY A 294 9.56 -1.84 14.75
N TYR A 295 9.81 -3.00 15.35
CA TYR A 295 8.78 -3.67 16.12
C TYR A 295 8.25 -2.91 17.32
N GLU A 296 9.12 -2.47 18.23
CA GLU A 296 8.61 -1.83 19.46
C GLU A 296 7.85 -0.55 19.18
N LYS A 297 8.40 0.30 18.33
CA LYS A 297 7.71 1.55 18.01
C LYS A 297 6.45 1.31 17.20
N SER A 298 6.42 0.27 16.37
CA SER A 298 5.20 -0.11 15.68
C SER A 298 4.09 -0.47 16.66
N CYS A 299 4.43 -1.28 17.66
CA CYS A 299 3.43 -1.68 18.64
C CYS A 299 2.85 -0.46 19.33
N ALA A 300 3.71 0.51 19.63
CA ALA A 300 3.24 1.77 20.22
C ALA A 300 2.31 2.56 19.28
N LEU A 301 2.68 2.70 18.02
CA LEU A 301 1.86 3.39 17.06
C LEU A 301 0.51 2.69 16.94
N LEU A 302 0.53 1.35 16.86
CA LEU A 302 -0.67 0.60 16.57
C LEU A 302 -1.65 0.67 17.75
N ARG A 303 -1.16 1.00 18.94
CA ARG A 303 -2.06 1.19 20.08
C ARG A 303 -3.07 2.31 19.77
N GLU A 304 -2.70 3.22 18.88
N GLU A 304 -2.66 3.22 18.88
CA GLU A 304 -3.58 4.33 18.51
CA GLU A 304 -3.51 4.33 18.45
C GLU A 304 -4.60 3.98 17.42
C GLU A 304 -4.68 3.91 17.58
N PHE A 305 -4.56 2.74 16.94
CA PHE A 305 -5.50 2.24 15.95
C PHE A 305 -6.07 0.86 16.38
N PRO A 306 -6.98 0.85 17.35
CA PRO A 306 -7.49 -0.39 17.96
C PRO A 306 -8.17 -1.31 16.96
N GLY A 307 -8.69 -0.78 15.88
CA GLY A 307 -9.38 -1.58 14.87
C GLY A 307 -8.48 -2.30 13.87
N VAL A 308 -7.17 -2.18 14.06
CA VAL A 308 -6.20 -2.82 13.16
C VAL A 308 -5.47 -3.93 13.91
N ASP A 309 -5.08 -4.96 13.17
CA ASP A 309 -4.20 -6.00 13.68
C ASP A 309 -2.92 -6.06 12.87
N ALA A 310 -1.91 -6.73 13.41
CA ALA A 310 -0.61 -6.75 12.76
C ALA A 310 0.07 -8.11 12.93
N LEU A 311 0.90 -8.48 11.97
CA LEU A 311 1.67 -9.71 12.02
C LEU A 311 3.08 -9.37 11.56
N PHE A 312 4.05 -9.65 12.41
CA PHE A 312 5.44 -9.33 12.17
C PHE A 312 6.20 -10.62 11.94
N ILE A 313 7.02 -10.65 10.89
CA ILE A 313 7.93 -11.75 10.66
C ILE A 313 9.34 -11.25 10.88
N PHE A 314 10.04 -11.88 11.81
CA PHE A 314 11.39 -11.49 12.18
C PHE A 314 12.44 -12.26 11.38
N PRO A 315 13.67 -11.74 11.32
CA PRO A 315 14.76 -12.41 10.61
C PRO A 315 15.06 -13.81 11.12
N ASP A 316 14.73 -14.09 12.37
CA ASP A 316 14.98 -15.43 12.91
C ASP A 316 13.78 -16.37 12.73
N LYS A 317 12.84 -15.93 11.89
CA LYS A 317 11.62 -16.68 11.51
C LYS A 317 10.63 -16.85 12.64
N ARG A 318 10.79 -16.15 13.75
CA ARG A 318 9.69 -16.00 14.67
C ARG A 318 8.62 -15.10 14.05
N VAL A 319 7.37 -15.40 14.38
CA VAL A 319 6.23 -14.61 13.95
C VAL A 319 5.44 -14.17 15.17
N ARG A 320 5.13 -12.87 15.25
CA ARG A 320 4.29 -12.35 16.31
C ARG A 320 3.09 -11.66 15.71
N ALA A 321 1.90 -11.97 16.23
CA ALA A 321 0.65 -11.45 15.71
C ALA A 321 -0.18 -10.92 16.85
N SER A 322 -0.91 -9.85 16.57
CA SER A 322 -1.72 -9.22 17.59
C SER A 322 -2.97 -10.06 17.92
N ALA A 323 -3.60 -9.71 19.04
CA ALA A 323 -4.60 -10.60 19.63
C ALA A 323 -5.79 -10.84 18.73
N GLY A 324 -6.10 -9.86 17.87
CA GLY A 324 -7.26 -9.96 17.01
C GLY A 324 -7.12 -10.94 15.87
N ILE A 325 -5.89 -11.32 15.55
CA ILE A 325 -5.70 -12.27 14.45
C ILE A 325 -4.90 -13.52 14.80
N VAL A 326 -4.21 -13.55 15.94
CA VAL A 326 -3.26 -14.62 16.20
C VAL A 326 -3.89 -16.01 16.11
N ASP A 327 -5.15 -16.14 16.54
CA ASP A 327 -5.86 -17.42 16.48
C ASP A 327 -6.27 -17.84 15.06
N ARG A 328 -6.16 -16.92 14.11
CA ARG A 328 -6.55 -17.14 12.72
C ARG A 328 -5.36 -17.48 11.82
N VAL A 329 -4.15 -17.49 12.41
CA VAL A 329 -2.92 -17.77 11.69
C VAL A 329 -2.59 -19.27 11.68
N ARG A 330 -2.25 -19.80 10.51
CA ARG A 330 -1.74 -21.16 10.36
C ARG A 330 -0.40 -21.14 9.67
N VAL A 331 0.61 -21.75 10.31
CA VAL A 331 1.93 -21.85 9.72
C VAL A 331 1.98 -23.00 8.71
N LEU A 332 2.38 -22.71 7.48
CA LEU A 332 2.52 -23.75 6.46
C LEU A 332 3.96 -24.22 6.27
N ASP A 333 4.91 -23.29 6.44
CA ASP A 333 6.34 -23.58 6.34
C ASP A 333 6.87 -23.73 7.77
N ALA A 334 7.14 -24.97 8.18
CA ALA A 334 7.51 -25.27 9.55
C ALA A 334 8.81 -24.66 10.00
N ARG A 335 9.57 -24.01 9.11
CA ARG A 335 10.76 -23.31 9.56
C ARG A 335 10.35 -22.09 10.38
N PHE A 336 9.12 -21.61 10.19
CA PHE A 336 8.63 -20.45 10.93
C PHE A 336 7.91 -20.86 12.19
N VAL A 337 7.98 -20.04 13.22
CA VAL A 337 7.32 -20.36 14.47
C VAL A 337 6.42 -19.20 14.90
N LEU A 338 5.16 -19.50 15.18
CA LEU A 338 4.20 -18.51 15.66
C LEU A 338 4.28 -18.45 17.19
N GLU A 339 4.72 -17.32 17.72
CA GLU A 339 4.71 -17.12 19.17
C GLU A 339 3.27 -16.81 19.60
N ARG A 340 2.88 -17.28 20.77
CA ARG A 340 1.48 -17.20 21.17
C ARG A 340 1.27 -16.37 22.43
P AMP B . 5.20 -0.18 0.36
O1P AMP B . 3.69 -0.11 0.41
O2P AMP B . 5.91 -0.24 1.71
O3P AMP B . 5.67 -1.27 -0.60
O5' AMP B . 5.52 1.25 -0.28
C5' AMP B . 6.85 1.67 -0.51
C4' AMP B . 6.94 2.61 -1.68
O4' AMP B . 6.54 3.95 -1.29
C3' AMP B . 8.34 2.75 -2.29
O3' AMP B . 8.51 1.86 -3.38
C2' AMP B . 8.42 4.24 -2.65
O2' AMP B . 7.77 4.49 -3.87
C1' AMP B . 7.58 4.86 -1.55
N9 AMP B . 8.31 5.02 -0.28
C8 AMP B . 9.54 4.56 0.06
N7 AMP B . 9.80 4.81 1.35
C5 AMP B . 8.70 5.44 1.84
C6 AMP B . 8.27 5.96 3.14
N6 AMP B . 9.11 5.90 4.20
N1 AMP B . 7.05 6.51 3.23
C2 AMP B . 6.22 6.60 2.19
N3 AMP B . 6.55 6.14 0.97
C4 AMP B . 7.74 5.55 0.76
H5'1 AMP B . 7.23 2.19 0.38
H5'2 AMP B . 7.48 0.80 -0.69
H4' AMP B . 6.26 2.24 -2.47
H3' AMP B . 9.07 2.53 -1.51
HO3' AMP B . 9.40 1.97 -3.75
H2' AMP B . 9.46 4.60 -2.63
HO2' AMP B . 8.20 3.99 -4.59
H1' AMP B . 7.19 5.82 -1.89
H8 AMP B . 10.22 4.05 -0.62
HN61 AMP B . 10.03 5.48 4.09
HN62 AMP B . 8.84 6.29 5.08
H2 AMP B . 5.25 7.06 2.32
MG MG C . 2.44 0.73 2.16
MG MG D . 2.11 -1.34 -0.18
C ACT E . -23.97 -12.11 -5.14
O ACT E . -24.57 -13.18 -5.43
OXT ACT E . -23.03 -11.73 -5.87
CH3 ACT E . -24.36 -11.34 -3.93
H1 ACT E . -23.72 -10.47 -3.83
H2 ACT E . -24.25 -11.97 -3.04
H3 ACT E . -25.40 -11.02 -4.01
#